data_7G80
#
_entry.id   7G80
#
_cell.length_a   71.607
_cell.length_b   71.607
_cell.length_c   197.037
_cell.angle_alpha   90.000
_cell.angle_beta   90.000
_cell.angle_gamma   90.000
#
_symmetry.space_group_name_H-M   'P 43 21 2'
#
loop_
_entity.id
_entity.type
_entity.pdbx_description
1 polymer 'Transforming protein RhoA'
2 polymer 'Rho guanine nucleotide exchange factor 2'
3 non-polymer 5-(1,3-thiazol-2-yl)-1H-1,2,4-triazole
4 non-polymer 'DIMETHYL SULFOXIDE'
5 non-polymer 'FORMIC ACID'
6 water water
#
loop_
_entity_poly.entity_id
_entity_poly.type
_entity_poly.pdbx_seq_one_letter_code
_entity_poly.pdbx_strand_id
1 'polypeptide(L)'
;SMAAIRKKLVIVGDGACGKTCLLIVFSKDQFPEVYVPTVFENYVADIEVDGKQVELALWDTAGQEDYDRLRPLSYPDTDV
ILMCFSIDSPDSLENIPEKWTPEVKHFCPNVPIILVGNKKDLRNDEHTRRELAKMKQEPVKPEEGRDMANRIGAFGYMEC
SAKTKDGVREVFEMATRAALQARRG
;
A
2 'polypeptide(L)'
;SMEMDEKDFAADSWSLAVDSSFLQQHKKEVMKQQDVIYELIQTELHHVRTLKIMTRLFRTGMLEELHLEPGVVQGLFPCV
DELSDIHTRFLSQLLERRRQALCPGSTRNFVIHRLGDLLISQFSGPSAEQMCKTYSEFCSRHSKALKLYKELYARDKRFQ
QFIRKVTRPAVLKRHGVQECILLVTQRITKYPLLISRILQHSHGIEEERQDLTTALGLVKELLSNVDEGIYQLEKGARLQ
EIYNR
;
B
#
loop_
_chem_comp.id
_chem_comp.type
_chem_comp.name
_chem_comp.formula
DMS non-polymer 'DIMETHYL SULFOXIDE' 'C2 H6 O S'
FMT non-polymer 'FORMIC ACID' 'C H2 O2'
K34 non-polymer 5-(1,3-thiazol-2-yl)-1H-1,2,4-triazole 'C5 H4 N4 S'
#
# COMPACT_ATOMS: atom_id res chain seq x y z
N ALA A 4 10.00 -22.68 6.05
CA ALA A 4 9.35 -21.67 5.21
C ALA A 4 10.21 -20.42 5.07
N ILE A 5 10.93 -20.33 3.96
CA ILE A 5 11.78 -19.18 3.66
C ILE A 5 10.88 -17.97 3.25
N ARG A 6 11.34 -16.76 3.53
CA ARG A 6 10.58 -15.55 3.21
C ARG A 6 11.10 -14.95 1.90
N LYS A 7 10.19 -14.66 0.97
CA LYS A 7 10.46 -14.03 -0.33
C LYS A 7 9.55 -12.80 -0.51
N LYS A 8 10.00 -11.81 -1.27
CA LYS A 8 9.23 -10.57 -1.47
C LYS A 8 8.85 -10.41 -2.94
N LEU A 9 7.59 -10.12 -3.19
CA LEU A 9 7.04 -9.91 -4.51
C LEU A 9 6.50 -8.48 -4.60
N VAL A 10 6.76 -7.79 -5.72
CA VAL A 10 6.21 -6.46 -5.97
C VAL A 10 5.54 -6.49 -7.34
N ILE A 11 4.34 -5.87 -7.46
CA ILE A 11 3.66 -5.81 -8.73
CA ILE A 11 3.65 -5.80 -8.75
C ILE A 11 3.75 -4.38 -9.27
N VAL A 12 4.18 -4.27 -10.54
CA VAL A 12 4.32 -2.98 -11.20
CA VAL A 12 4.43 -3.04 -11.26
C VAL A 12 3.48 -2.95 -12.49
N GLY A 13 3.21 -1.74 -12.98
CA GLY A 13 2.39 -1.55 -14.18
C GLY A 13 1.53 -0.30 -14.09
N ASP A 14 0.89 0.09 -15.20
CA ASP A 14 0.05 1.29 -15.22
C ASP A 14 -1.14 1.22 -14.23
N GLY A 15 -1.66 2.39 -13.86
CA GLY A 15 -2.77 2.49 -12.93
C GLY A 15 -3.98 1.66 -13.29
N ALA A 16 -4.27 1.50 -14.60
CA ALA A 16 -5.43 0.73 -15.02
C ALA A 16 -5.11 -0.73 -15.42
N CYS A 17 -3.97 -1.28 -14.97
CA CYS A 17 -3.58 -2.64 -15.37
C CYS A 17 -4.27 -3.75 -14.56
N GLY A 18 -4.93 -3.41 -13.47
CA GLY A 18 -5.61 -4.38 -12.60
C GLY A 18 -4.73 -5.04 -11.55
N LYS A 19 -3.55 -4.45 -11.24
CA LYS A 19 -2.65 -5.04 -10.25
CA LYS A 19 -2.65 -5.04 -10.25
C LYS A 19 -3.25 -5.13 -8.85
N THR A 20 -4.01 -4.10 -8.41
CA THR A 20 -4.60 -4.10 -7.07
C THR A 20 -5.60 -5.24 -6.94
N CYS A 21 -6.50 -5.36 -7.91
CA CYS A 21 -7.49 -6.42 -7.93
CA CYS A 21 -7.48 -6.42 -7.90
C CYS A 21 -6.85 -7.80 -7.91
N LEU A 22 -5.77 -7.99 -8.70
CA LEU A 22 -5.06 -9.27 -8.76
C LEU A 22 -4.55 -9.70 -7.36
N LEU A 23 -3.89 -8.78 -6.64
CA LEU A 23 -3.41 -9.08 -5.28
C LEU A 23 -4.55 -9.40 -4.31
N ILE A 24 -5.67 -8.69 -4.41
CA ILE A 24 -6.83 -8.89 -3.52
C ILE A 24 -7.42 -10.29 -3.75
N VAL A 25 -7.67 -10.62 -5.02
CA VAL A 25 -8.27 -11.91 -5.38
C VAL A 25 -7.37 -13.08 -4.98
N PHE A 26 -6.03 -12.96 -5.18
CA PHE A 26 -5.14 -14.03 -4.76
C PHE A 26 -5.15 -14.20 -3.23
N SER A 27 -4.99 -13.07 -2.48
CA SER A 27 -4.88 -13.11 -1.03
C SER A 27 -6.13 -13.58 -0.32
N LYS A 28 -7.31 -13.34 -0.90
CA LYS A 28 -8.57 -13.83 -0.33
C LYS A 28 -9.01 -15.20 -0.93
N ASP A 29 -8.41 -15.62 -2.08
CA ASP A 29 -8.82 -16.78 -2.89
C ASP A 29 -10.31 -16.64 -3.23
N GLN A 30 -10.72 -15.41 -3.63
CA GLN A 30 -12.12 -15.08 -3.88
C GLN A 30 -12.22 -13.69 -4.52
N PHE A 31 -13.08 -13.51 -5.53
CA PHE A 31 -13.33 -12.16 -6.05
C PHE A 31 -14.42 -11.62 -5.10
N PRO A 32 -14.18 -10.46 -4.46
CA PRO A 32 -15.15 -9.93 -3.49
C PRO A 32 -16.60 -9.85 -3.98
N GLU A 33 -17.52 -10.45 -3.21
CA GLU A 33 -18.94 -10.51 -3.56
C GLU A 33 -19.75 -9.30 -3.06
N VAL A 34 -19.21 -8.54 -2.09
CA VAL A 34 -19.95 -7.43 -1.49
C VAL A 34 -19.27 -6.09 -1.78
N TYR A 35 -17.96 -6.04 -1.60
CA TYR A 35 -17.22 -4.81 -1.79
C TYR A 35 -15.83 -5.08 -2.31
N VAL A 36 -15.44 -4.42 -3.41
CA VAL A 36 -14.13 -4.55 -3.97
C VAL A 36 -13.29 -3.43 -3.37
N PRO A 37 -12.28 -3.76 -2.55
CA PRO A 37 -11.46 -2.71 -1.94
C PRO A 37 -10.75 -1.81 -2.95
N THR A 38 -10.59 -0.56 -2.60
CA THR A 38 -9.88 0.44 -3.39
C THR A 38 -8.39 0.20 -3.28
N VAL A 39 -7.89 -0.17 -2.08
CA VAL A 39 -6.45 -0.32 -1.89
C VAL A 39 -6.07 -1.69 -1.30
N PHE A 40 -4.78 -2.02 -1.38
CA PHE A 40 -4.22 -3.22 -0.80
C PHE A 40 -3.05 -2.78 0.10
N GLU A 41 -3.02 -3.22 1.39
CA GLU A 41 -1.94 -2.79 2.29
C GLU A 41 -0.68 -3.69 2.02
N ASN A 42 -0.70 -4.92 2.50
CA ASN A 42 0.29 -5.95 2.22
C ASN A 42 -0.32 -7.31 2.65
N TYR A 43 0.39 -8.39 2.38
CA TYR A 43 -0.07 -9.72 2.74
C TYR A 43 1.13 -10.65 2.73
N VAL A 44 1.08 -11.71 3.53
CA VAL A 44 2.12 -12.73 3.50
C VAL A 44 1.40 -14.04 3.21
N ALA A 45 1.51 -14.53 1.97
CA ALA A 45 0.82 -15.77 1.58
C ALA A 45 1.69 -16.99 1.92
N ASP A 46 1.09 -18.07 2.46
CA ASP A 46 1.81 -19.32 2.67
C ASP A 46 1.60 -20.13 1.38
N ILE A 47 2.69 -20.44 0.68
CA ILE A 47 2.61 -21.14 -0.60
CA ILE A 47 2.58 -21.18 -0.57
C ILE A 47 3.54 -22.35 -0.62
N GLU A 48 3.08 -23.47 -1.15
CA GLU A 48 3.92 -24.64 -1.32
CA GLU A 48 3.91 -24.65 -1.32
C GLU A 48 4.00 -24.92 -2.81
N VAL A 49 5.20 -24.79 -3.38
CA VAL A 49 5.36 -25.01 -4.81
C VAL A 49 6.46 -26.02 -5.06
N ASP A 50 6.13 -27.10 -5.79
CA ASP A 50 7.10 -28.15 -6.10
C ASP A 50 7.77 -28.73 -4.84
N GLY A 51 7.00 -28.90 -3.77
CA GLY A 51 7.51 -29.43 -2.51
C GLY A 51 8.20 -28.44 -1.59
N LYS A 52 8.32 -27.15 -1.98
CA LYS A 52 8.98 -26.15 -1.13
C LYS A 52 8.00 -25.16 -0.49
N GLN A 53 8.08 -24.98 0.84
CA GLN A 53 7.20 -24.04 1.52
CA GLN A 53 7.21 -24.05 1.55
C GLN A 53 7.84 -22.67 1.58
N VAL A 54 7.10 -21.64 1.15
CA VAL A 54 7.58 -20.27 1.14
C VAL A 54 6.52 -19.31 1.78
N GLU A 55 6.98 -18.27 2.48
CA GLU A 55 6.15 -17.17 2.96
C GLU A 55 6.42 -16.06 1.91
N LEU A 56 5.44 -15.74 1.07
CA LEU A 56 5.62 -14.75 0.01
C LEU A 56 4.94 -13.44 0.38
N ALA A 57 5.74 -12.39 0.70
CA ALA A 57 5.18 -11.08 1.03
C ALA A 57 4.77 -10.39 -0.28
N LEU A 58 3.56 -9.84 -0.31
CA LEU A 58 2.99 -9.17 -1.49
C LEU A 58 2.86 -7.66 -1.31
N TRP A 59 3.30 -6.91 -2.32
CA TRP A 59 3.24 -5.46 -2.28
C TRP A 59 2.73 -4.91 -3.61
N ASP A 60 1.93 -3.85 -3.53
CA ASP A 60 1.36 -3.13 -4.66
C ASP A 60 2.13 -1.78 -4.82
N THR A 61 2.19 -1.27 -6.04
CA THR A 61 2.77 0.05 -6.31
C THR A 61 1.66 1.09 -6.71
N ALA A 62 0.38 0.71 -6.66
CA ALA A 62 -0.75 1.58 -7.00
C ALA A 62 -0.71 2.87 -6.15
N GLY A 63 -0.88 4.00 -6.81
CA GLY A 63 -0.78 5.32 -6.19
C GLY A 63 0.61 5.92 -6.28
N GLN A 64 1.64 5.12 -6.60
CA GLN A 64 3.03 5.63 -6.69
C GLN A 64 3.48 6.00 -8.12
N GLU A 65 2.63 5.77 -9.12
CA GLU A 65 2.97 5.99 -10.54
C GLU A 65 3.46 7.41 -10.90
N ASP A 66 2.92 8.46 -10.26
CA ASP A 66 3.34 9.83 -10.57
C ASP A 66 4.49 10.34 -9.69
N TYR A 67 4.98 9.52 -8.72
CA TYR A 67 5.98 9.98 -7.76
C TYR A 67 7.28 9.21 -7.89
N ASP A 68 8.21 9.75 -8.71
CA ASP A 68 9.47 9.08 -9.09
C ASP A 68 10.48 8.88 -7.96
N ARG A 69 10.32 9.60 -6.86
CA ARG A 69 11.21 9.42 -5.71
C ARG A 69 10.58 8.57 -4.62
N LEU A 70 9.24 8.55 -4.53
CA LEU A 70 8.57 7.70 -3.54
C LEU A 70 8.53 6.27 -4.06
N ARG A 71 8.17 6.08 -5.34
CA ARG A 71 7.99 4.75 -5.96
C ARG A 71 9.16 3.76 -5.76
N PRO A 72 10.45 4.15 -5.97
CA PRO A 72 11.55 3.18 -5.80
C PRO A 72 11.76 2.64 -4.40
N LEU A 73 11.16 3.29 -3.38
CA LEU A 73 11.21 2.83 -2.00
C LEU A 73 10.51 1.47 -1.81
N SER A 74 9.64 1.09 -2.73
CA SER A 74 8.96 -0.21 -2.68
C SER A 74 9.88 -1.36 -3.17
N TYR A 75 10.98 -1.05 -3.91
CA TYR A 75 11.82 -2.07 -4.54
C TYR A 75 12.90 -2.79 -3.70
N PRO A 76 13.51 -2.21 -2.63
CA PRO A 76 14.60 -2.92 -1.93
C PRO A 76 14.32 -4.38 -1.57
N ASP A 77 15.30 -5.25 -1.82
CA ASP A 77 15.22 -6.67 -1.48
C ASP A 77 14.10 -7.43 -2.16
N THR A 78 13.60 -6.94 -3.32
CA THR A 78 12.55 -7.68 -4.04
C THR A 78 13.16 -8.98 -4.63
N ASP A 79 12.43 -10.13 -4.54
CA ASP A 79 12.87 -11.43 -5.06
C ASP A 79 12.22 -11.79 -6.39
N VAL A 80 11.03 -11.23 -6.70
CA VAL A 80 10.37 -11.48 -7.97
C VAL A 80 9.48 -10.26 -8.32
N ILE A 81 9.47 -9.87 -9.58
CA ILE A 81 8.63 -8.78 -10.05
C ILE A 81 7.48 -9.31 -10.91
N LEU A 82 6.23 -8.88 -10.64
CA LEU A 82 5.13 -9.17 -11.57
C LEU A 82 4.93 -7.85 -12.34
N MET A 83 5.16 -7.87 -13.65
CA MET A 83 5.01 -6.70 -14.51
CA MET A 83 5.05 -6.73 -14.56
C MET A 83 3.71 -6.87 -15.29
N CYS A 84 2.72 -6.07 -14.92
CA CYS A 84 1.38 -6.20 -15.40
CA CYS A 84 1.35 -6.20 -15.42
C CYS A 84 0.95 -5.22 -16.50
N PHE A 85 0.05 -5.67 -17.37
CA PHE A 85 -0.63 -4.89 -18.40
C PHE A 85 -2.04 -5.47 -18.49
N SER A 86 -2.97 -4.71 -19.05
CA SER A 86 -4.34 -5.18 -19.19
C SER A 86 -4.54 -5.60 -20.64
N ILE A 87 -5.10 -6.80 -20.87
CA ILE A 87 -5.40 -7.30 -22.20
C ILE A 87 -6.44 -6.40 -22.94
N ASP A 88 -7.31 -5.70 -22.17
CA ASP A 88 -8.24 -4.73 -22.79
C ASP A 88 -7.56 -3.36 -23.08
N SER A 89 -6.22 -3.26 -22.93
CA SER A 89 -5.52 -2.00 -23.13
C SER A 89 -4.15 -2.15 -23.79
N PRO A 90 -4.11 -2.08 -25.12
CA PRO A 90 -2.81 -2.09 -25.82
C PRO A 90 -1.88 -0.95 -25.39
N ASP A 91 -2.43 0.17 -24.86
CA ASP A 91 -1.63 1.30 -24.37
C ASP A 91 -0.82 0.90 -23.12
N SER A 92 -1.39 0.06 -22.23
CA SER A 92 -0.66 -0.40 -21.05
C SER A 92 0.52 -1.32 -21.47
N LEU A 93 0.40 -2.05 -22.60
CA LEU A 93 1.46 -2.94 -23.07
C LEU A 93 2.62 -2.13 -23.68
N GLU A 94 2.31 -1.02 -24.37
CA GLU A 94 3.29 -0.12 -24.99
C GLU A 94 4.19 0.57 -23.93
N ASN A 95 3.66 0.78 -22.72
CA ASN A 95 4.44 1.40 -21.64
C ASN A 95 5.39 0.41 -20.91
N ILE A 96 5.28 -0.90 -21.22
CA ILE A 96 6.13 -1.91 -20.62
C ILE A 96 7.61 -1.72 -20.98
N PRO A 97 8.03 -1.71 -22.27
CA PRO A 97 9.46 -1.48 -22.57
C PRO A 97 9.88 -0.02 -22.40
N GLU A 98 8.94 0.91 -22.54
CA GLU A 98 9.22 2.34 -22.45
C GLU A 98 9.62 2.83 -21.05
N LYS A 99 8.78 2.59 -20.04
CA LYS A 99 9.02 3.09 -18.70
C LYS A 99 9.39 2.04 -17.65
N TRP A 100 8.53 1.02 -17.50
CA TRP A 100 8.68 0.06 -16.43
C TRP A 100 9.89 -0.84 -16.48
N THR A 101 10.20 -1.40 -17.65
CA THR A 101 11.31 -2.33 -17.76
C THR A 101 12.66 -1.67 -17.37
N PRO A 102 13.08 -0.52 -17.96
CA PRO A 102 14.37 0.05 -17.54
C PRO A 102 14.40 0.47 -16.07
N GLU A 103 13.22 0.83 -15.48
CA GLU A 103 13.14 1.19 -14.07
C GLU A 103 13.36 -0.04 -13.19
N VAL A 104 12.65 -1.14 -13.49
CA VAL A 104 12.79 -2.36 -12.70
C VAL A 104 14.19 -2.98 -12.87
N LYS A 105 14.80 -2.91 -14.08
CA LYS A 105 16.16 -3.43 -14.24
C LYS A 105 17.20 -2.59 -13.47
N HIS A 106 16.93 -1.29 -13.27
CA HIS A 106 17.84 -0.41 -12.54
C HIS A 106 17.77 -0.66 -11.03
N PHE A 107 16.56 -0.63 -10.43
CA PHE A 107 16.40 -0.81 -8.98
C PHE A 107 16.40 -2.27 -8.49
N CYS A 108 16.14 -3.24 -9.42
CA CYS A 108 16.08 -4.67 -9.07
C CYS A 108 16.96 -5.48 -10.03
N PRO A 109 18.29 -5.22 -10.05
CA PRO A 109 19.14 -5.96 -11.00
C PRO A 109 19.11 -7.45 -10.75
N ASN A 110 19.01 -8.22 -11.85
CA ASN A 110 19.02 -9.69 -11.85
C ASN A 110 17.81 -10.33 -11.15
N VAL A 111 16.75 -9.54 -10.86
CA VAL A 111 15.56 -10.10 -10.25
C VAL A 111 14.66 -10.61 -11.38
N PRO A 112 14.14 -11.85 -11.30
CA PRO A 112 13.24 -12.32 -12.38
C PRO A 112 11.99 -11.49 -12.52
N ILE A 113 11.59 -11.22 -13.77
CA ILE A 113 10.37 -10.47 -14.08
C ILE A 113 9.38 -11.41 -14.77
N ILE A 114 8.16 -11.51 -14.31
CA ILE A 114 7.14 -12.28 -15.01
C ILE A 114 6.18 -11.26 -15.65
N LEU A 115 6.04 -11.28 -16.99
CA LEU A 115 5.11 -10.37 -17.65
C LEU A 115 3.71 -11.03 -17.57
N VAL A 116 2.74 -10.33 -16.99
CA VAL A 116 1.39 -10.85 -16.78
C VAL A 116 0.34 -10.03 -17.53
N GLY A 117 -0.43 -10.71 -18.39
CA GLY A 117 -1.56 -10.13 -19.09
C GLY A 117 -2.80 -10.31 -18.24
N ASN A 118 -3.31 -9.23 -17.64
CA ASN A 118 -4.50 -9.24 -16.78
CA ASN A 118 -4.51 -9.33 -16.79
C ASN A 118 -5.80 -9.06 -17.57
N LYS A 119 -6.97 -9.37 -16.95
CA LYS A 119 -8.30 -9.19 -17.55
C LYS A 119 -8.47 -9.96 -18.85
N LYS A 120 -7.95 -11.19 -18.87
CA LYS A 120 -8.03 -12.00 -20.08
C LYS A 120 -9.47 -12.34 -20.47
N ASP A 121 -10.43 -12.24 -19.50
CA ASP A 121 -11.86 -12.44 -19.74
C ASP A 121 -12.41 -11.39 -20.75
N LEU A 122 -11.73 -10.23 -20.89
CA LEU A 122 -12.17 -9.15 -21.78
C LEU A 122 -11.71 -9.32 -23.25
N ARG A 123 -10.91 -10.36 -23.54
CA ARG A 123 -10.41 -10.58 -24.90
C ARG A 123 -11.57 -10.86 -25.87
N ASN A 124 -12.60 -11.59 -25.41
CA ASN A 124 -13.77 -11.89 -26.20
C ASN A 124 -15.03 -11.20 -25.66
N ASP A 125 -14.86 -9.99 -25.11
CA ASP A 125 -15.97 -9.21 -24.59
C ASP A 125 -16.40 -8.24 -25.70
N GLU A 126 -17.68 -8.27 -26.10
CA GLU A 126 -18.19 -7.44 -27.18
C GLU A 126 -18.08 -5.95 -26.90
N HIS A 127 -18.43 -5.50 -25.68
CA HIS A 127 -18.32 -4.08 -25.32
C HIS A 127 -16.87 -3.59 -25.46
N THR A 128 -15.90 -4.40 -24.98
CA THR A 128 -14.48 -4.09 -25.08
C THR A 128 -14.05 -3.93 -26.54
N ARG A 129 -14.43 -4.88 -27.40
CA ARG A 129 -14.06 -4.83 -28.81
C ARG A 129 -14.67 -3.63 -29.54
N ARG A 130 -15.90 -3.26 -29.18
CA ARG A 130 -16.55 -2.10 -29.80
C ARG A 130 -15.87 -0.81 -29.35
N GLU A 131 -15.58 -0.69 -28.05
CA GLU A 131 -14.94 0.50 -27.51
C GLU A 131 -13.54 0.78 -28.07
N LEU A 132 -12.69 -0.26 -28.13
CA LEU A 132 -11.32 -0.17 -28.64
C LEU A 132 -11.26 0.15 -30.13
N ALA A 133 -12.21 -0.38 -30.94
CA ALA A 133 -12.25 -0.13 -32.38
C ALA A 133 -12.41 1.36 -32.74
N LYS A 134 -12.98 2.15 -31.84
CA LYS A 134 -13.15 3.59 -32.07
C LYS A 134 -11.78 4.31 -32.09
N MET A 135 -10.80 3.81 -31.32
CA MET A 135 -9.45 4.38 -31.31
C MET A 135 -8.48 3.58 -32.19
N LYS A 136 -8.99 2.79 -33.16
CA LYS A 136 -8.23 1.93 -34.08
C LYS A 136 -7.37 0.90 -33.34
N GLN A 137 -7.95 0.26 -32.31
CA GLN A 137 -7.27 -0.73 -31.48
C GLN A 137 -8.08 -2.05 -31.36
N GLU A 138 -7.47 -3.08 -30.72
CA GLU A 138 -8.11 -4.37 -30.43
C GLU A 138 -7.51 -5.02 -29.17
N PRO A 139 -8.19 -5.99 -28.51
CA PRO A 139 -7.60 -6.59 -27.30
C PRO A 139 -6.26 -7.25 -27.62
N VAL A 140 -5.30 -7.18 -26.67
CA VAL A 140 -3.96 -7.75 -26.85
C VAL A 140 -4.07 -9.25 -27.13
N LYS A 141 -3.44 -9.73 -28.19
CA LYS A 141 -3.46 -11.15 -28.54
C LYS A 141 -2.39 -11.90 -27.71
N PRO A 142 -2.58 -13.19 -27.39
CA PRO A 142 -1.57 -13.89 -26.57
C PRO A 142 -0.15 -13.84 -27.15
N GLU A 143 -0.01 -13.90 -28.49
CA GLU A 143 1.31 -13.85 -29.13
C GLU A 143 1.99 -12.49 -29.03
N GLU A 144 1.19 -11.41 -28.94
CA GLU A 144 1.74 -10.08 -28.76
C GLU A 144 2.34 -9.98 -27.34
N GLY A 145 1.67 -10.58 -26.35
CA GLY A 145 2.17 -10.64 -24.99
C GLY A 145 3.47 -11.44 -24.92
N ARG A 146 3.50 -12.64 -25.54
CA ARG A 146 4.71 -13.48 -25.55
C ARG A 146 5.89 -12.72 -26.18
N ASP A 147 5.66 -12.04 -27.31
CA ASP A 147 6.73 -11.31 -27.98
C ASP A 147 7.27 -10.18 -27.12
N MET A 148 6.38 -9.46 -26.41
CA MET A 148 6.86 -8.38 -25.51
C MET A 148 7.70 -8.99 -24.38
N ALA A 149 7.24 -10.12 -23.81
CA ALA A 149 7.95 -10.79 -22.73
C ALA A 149 9.36 -11.22 -23.19
N ASN A 150 9.46 -11.79 -24.39
CA ASN A 150 10.72 -12.23 -24.98
C ASN A 150 11.64 -11.02 -25.15
N ARG A 151 11.13 -9.93 -25.75
CA ARG A 151 11.82 -8.68 -25.96
C ARG A 151 12.43 -8.06 -24.67
N ILE A 152 11.64 -7.98 -23.57
CA ILE A 152 12.14 -7.40 -22.33
C ILE A 152 13.00 -8.37 -21.46
N GLY A 153 13.21 -9.60 -21.92
CA GLY A 153 14.00 -10.55 -21.15
C GLY A 153 13.27 -11.03 -19.91
N ALA A 154 11.94 -11.15 -19.99
CA ALA A 154 11.14 -11.65 -18.87
C ALA A 154 11.46 -13.14 -18.66
N PHE A 155 11.36 -13.58 -17.39
CA PHE A 155 11.50 -14.98 -16.98
C PHE A 155 10.42 -15.81 -17.69
N GLY A 156 9.22 -15.26 -17.84
CA GLY A 156 8.13 -15.95 -18.50
C GLY A 156 6.96 -15.03 -18.79
N TYR A 157 5.99 -15.55 -19.55
CA TYR A 157 4.76 -14.82 -19.88
C TYR A 157 3.55 -15.61 -19.38
N MET A 158 2.62 -14.94 -18.70
CA MET A 158 1.43 -15.61 -18.18
C MET A 158 0.21 -14.70 -18.32
N GLU A 159 -1.00 -15.29 -18.32
CA GLU A 159 -2.24 -14.51 -18.39
C GLU A 159 -3.19 -14.97 -17.27
N CYS A 160 -4.10 -14.07 -16.85
CA CYS A 160 -5.05 -14.42 -15.80
C CYS A 160 -6.25 -13.49 -15.85
N SER A 161 -7.28 -13.84 -15.08
CA SER A 161 -8.48 -13.02 -14.96
C SER A 161 -8.82 -12.98 -13.46
N ALA A 162 -8.66 -11.81 -12.82
CA ALA A 162 -9.03 -11.67 -11.42
C ALA A 162 -10.56 -11.89 -11.24
N LYS A 163 -11.36 -11.54 -12.26
CA LYS A 163 -12.82 -11.68 -12.21
C LYS A 163 -13.26 -13.14 -12.02
N THR A 164 -12.76 -14.06 -12.84
CA THR A 164 -13.14 -15.48 -12.75
C THR A 164 -12.17 -16.34 -11.92
N LYS A 165 -11.00 -15.79 -11.55
CA LYS A 165 -9.89 -16.44 -10.84
C LYS A 165 -9.02 -17.34 -11.72
N ASP A 166 -9.38 -17.55 -13.01
CA ASP A 166 -8.57 -18.43 -13.87
C ASP A 166 -7.14 -17.91 -14.07
N GLY A 167 -6.17 -18.77 -13.79
CA GLY A 167 -4.76 -18.43 -13.96
C GLY A 167 -4.13 -17.70 -12.78
N VAL A 168 -4.94 -17.23 -11.82
CA VAL A 168 -4.42 -16.47 -10.69
C VAL A 168 -3.50 -17.30 -9.81
N ARG A 169 -3.94 -18.47 -9.34
CA ARG A 169 -3.09 -19.36 -8.53
C ARG A 169 -1.74 -19.67 -9.27
N GLU A 170 -1.83 -20.00 -10.56
CA GLU A 170 -0.67 -20.35 -11.39
C GLU A 170 0.36 -19.21 -11.42
N VAL A 171 -0.09 -17.95 -11.59
CA VAL A 171 0.80 -16.79 -11.61
C VAL A 171 1.64 -16.72 -10.31
N PHE A 172 0.97 -16.81 -9.15
CA PHE A 172 1.68 -16.69 -7.87
C PHE A 172 2.56 -17.91 -7.57
N GLU A 173 2.15 -19.11 -7.98
CA GLU A 173 3.01 -20.30 -7.78
C GLU A 173 4.27 -20.18 -8.66
N MET A 174 4.14 -19.68 -9.90
CA MET A 174 5.29 -19.51 -10.79
C MET A 174 6.19 -18.40 -10.22
N ALA A 175 5.61 -17.28 -9.71
CA ALA A 175 6.38 -16.20 -9.09
C ALA A 175 7.25 -16.74 -7.94
N THR A 176 6.67 -17.67 -7.14
CA THR A 176 7.37 -18.29 -6.03
C THR A 176 8.56 -19.13 -6.54
N ARG A 177 8.33 -19.94 -7.59
CA ARG A 177 9.39 -20.72 -8.24
C ARG A 177 10.52 -19.77 -8.74
N ALA A 178 10.18 -18.69 -9.44
CA ALA A 178 11.19 -17.73 -9.92
C ALA A 178 11.98 -17.12 -8.74
N ALA A 179 11.27 -16.74 -7.63
CA ALA A 179 11.90 -16.17 -6.44
C ALA A 179 12.92 -17.13 -5.78
N LEU A 180 12.67 -18.43 -5.89
CA LEU A 180 13.52 -19.48 -5.31
C LEU A 180 14.78 -19.78 -6.15
N GLN A 181 14.80 -19.39 -7.43
CA GLN A 181 15.94 -19.69 -8.32
C GLN A 181 17.21 -18.88 -8.04
N ALA A 182 18.39 -19.39 -8.46
CA ALA A 182 19.66 -18.69 -8.27
C ALA A 182 19.77 -17.52 -9.29
N SER B 1 -4.73 -1.96 18.36
CA SER B 1 -5.90 -1.07 18.47
CA SER B 1 -5.87 -1.06 18.51
C SER B 1 -6.79 -1.49 19.66
N MET B 2 -7.62 -0.57 20.18
CA MET B 2 -8.55 -0.87 21.27
C MET B 2 -9.75 -1.63 20.77
N GLU B 3 -10.25 -2.55 21.59
CA GLU B 3 -11.34 -3.45 21.25
C GLU B 3 -12.58 -2.76 20.63
N MET B 4 -13.01 -1.60 21.21
CA MET B 4 -14.17 -0.87 20.71
CA MET B 4 -14.17 -0.87 20.69
C MET B 4 -14.00 -0.55 19.20
N ASP B 5 -12.86 0.01 18.81
CA ASP B 5 -12.63 0.40 17.42
C ASP B 5 -12.43 -0.81 16.52
N GLU B 6 -11.75 -1.85 17.02
CA GLU B 6 -11.55 -3.08 16.23
C GLU B 6 -12.88 -3.71 15.86
N LYS B 7 -13.79 -3.81 16.84
CA LYS B 7 -15.10 -4.38 16.61
C LYS B 7 -15.91 -3.50 15.66
N ASP B 8 -15.86 -2.17 15.84
CA ASP B 8 -16.58 -1.25 14.93
C ASP B 8 -16.09 -1.37 13.49
N PHE B 9 -14.82 -1.75 13.30
CA PHE B 9 -14.25 -1.90 11.95
C PHE B 9 -13.88 -3.36 11.61
N ALA B 10 -14.55 -4.34 12.23
CA ALA B 10 -14.28 -5.76 11.96
C ALA B 10 -14.85 -6.22 10.62
N ALA B 11 -16.03 -5.70 10.23
CA ALA B 11 -16.67 -6.10 8.96
C ALA B 11 -15.87 -5.71 7.71
N ASP B 12 -16.03 -6.46 6.62
CA ASP B 12 -15.33 -6.19 5.37
C ASP B 12 -15.82 -4.87 4.71
N SER B 13 -17.03 -4.39 5.08
CA SER B 13 -17.58 -3.18 4.50
C SER B 13 -18.56 -2.47 5.44
N TRP B 14 -18.90 -1.22 5.10
CA TRP B 14 -19.93 -0.48 5.85
C TRP B 14 -21.28 -1.25 5.75
N SER B 15 -21.60 -1.77 4.55
CA SER B 15 -22.86 -2.49 4.32
CA SER B 15 -22.85 -2.50 4.31
C SER B 15 -22.99 -3.74 5.20
N LEU B 16 -21.87 -4.37 5.58
CA LEU B 16 -21.91 -5.53 6.47
C LEU B 16 -21.73 -5.09 7.95
N ALA B 17 -21.20 -3.87 8.23
CA ALA B 17 -21.01 -3.39 9.60
C ALA B 17 -22.34 -2.93 10.22
N VAL B 18 -23.19 -2.23 9.46
CA VAL B 18 -24.48 -1.71 9.96
C VAL B 18 -25.55 -2.82 10.03
N ASP B 19 -26.64 -2.60 10.80
CA ASP B 19 -27.74 -3.57 10.85
C ASP B 19 -28.39 -3.65 9.46
N SER B 20 -28.78 -4.86 9.04
CA SER B 20 -29.41 -5.01 7.72
C SER B 20 -30.69 -4.19 7.58
N SER B 21 -31.44 -3.98 8.67
CA SER B 21 -32.65 -3.14 8.62
C SER B 21 -32.32 -1.66 8.42
N PHE B 22 -31.11 -1.21 8.83
CA PHE B 22 -30.68 0.16 8.63
C PHE B 22 -30.17 0.33 7.17
N LEU B 23 -29.42 -0.66 6.68
CA LEU B 23 -28.90 -0.66 5.30
C LEU B 23 -30.03 -0.51 4.29
N GLN B 24 -31.15 -1.23 4.48
CA GLN B 24 -32.31 -1.17 3.59
C GLN B 24 -32.93 0.20 3.45
N GLN B 25 -32.66 1.11 4.38
CA GLN B 25 -33.21 2.47 4.32
C GLN B 25 -32.49 3.42 3.38
N HIS B 26 -31.31 3.04 2.87
CA HIS B 26 -30.54 3.97 2.03
C HIS B 26 -30.52 3.65 0.55
N LYS B 27 -30.35 4.69 -0.26
CA LYS B 27 -30.18 4.58 -1.70
C LYS B 27 -28.85 3.86 -1.99
N LYS B 28 -28.78 3.23 -3.16
CA LYS B 28 -27.61 2.49 -3.60
C LYS B 28 -26.37 3.40 -3.64
N GLU B 29 -26.51 4.64 -4.10
CA GLU B 29 -25.39 5.57 -4.21
C GLU B 29 -24.80 5.95 -2.83
N VAL B 30 -25.67 6.06 -1.79
CA VAL B 30 -25.23 6.32 -0.41
C VAL B 30 -24.46 5.13 0.12
N MET B 31 -24.94 3.88 -0.13
CA MET B 31 -24.21 2.67 0.32
CA MET B 31 -24.22 2.68 0.30
C MET B 31 -22.79 2.67 -0.29
N LYS B 32 -22.67 3.01 -1.61
CA LYS B 32 -21.36 3.01 -2.29
C LYS B 32 -20.42 4.05 -1.67
N GLN B 33 -20.93 5.27 -1.43
CA GLN B 33 -20.15 6.32 -0.77
C GLN B 33 -19.69 5.85 0.64
N GLN B 34 -20.63 5.33 1.46
CA GLN B 34 -20.30 4.89 2.82
C GLN B 34 -19.29 3.72 2.88
N ASP B 35 -19.40 2.76 1.95
CA ASP B 35 -18.42 1.66 1.89
C ASP B 35 -16.99 2.21 1.66
N VAL B 36 -16.82 3.26 0.83
CA VAL B 36 -15.46 3.80 0.58
C VAL B 36 -14.97 4.64 1.78
N ILE B 37 -15.88 5.41 2.41
CA ILE B 37 -15.48 6.19 3.61
C ILE B 37 -15.04 5.21 4.72
N TYR B 38 -15.77 4.11 4.86
CA TYR B 38 -15.46 3.07 5.86
C TYR B 38 -14.09 2.47 5.56
N GLU B 39 -13.76 2.22 4.28
CA GLU B 39 -12.44 1.70 3.94
C GLU B 39 -11.35 2.71 4.33
N LEU B 40 -11.56 4.01 4.08
CA LEU B 40 -10.58 5.04 4.47
C LEU B 40 -10.30 4.98 6.02
N ILE B 41 -11.36 4.98 6.83
CA ILE B 41 -11.22 4.98 8.28
C ILE B 41 -10.61 3.65 8.75
N GLN B 42 -11.11 2.52 8.22
CA GLN B 42 -10.57 1.20 8.59
C GLN B 42 -9.05 1.11 8.29
N THR B 43 -8.61 1.57 7.08
CA THR B 43 -7.18 1.52 6.74
C THR B 43 -6.38 2.54 7.59
N GLU B 44 -7.01 3.67 8.00
CA GLU B 44 -6.32 4.62 8.87
C GLU B 44 -6.11 4.00 10.27
N LEU B 45 -7.13 3.29 10.80
CA LEU B 45 -7.04 2.58 12.09
C LEU B 45 -5.85 1.55 12.00
N HIS B 46 -5.76 0.79 10.90
CA HIS B 46 -4.65 -0.18 10.71
C HIS B 46 -3.28 0.54 10.63
N HIS B 47 -3.22 1.67 9.98
CA HIS B 47 -1.98 2.45 9.80
C HIS B 47 -1.51 2.96 11.18
N VAL B 48 -2.45 3.44 12.03
CA VAL B 48 -2.12 3.89 13.39
C VAL B 48 -1.61 2.69 14.21
N ARG B 49 -2.23 1.51 14.04
CA ARG B 49 -1.80 0.27 14.68
C ARG B 49 -0.34 -0.12 14.24
N THR B 50 -0.01 0.06 12.95
CA THR B 50 1.35 -0.18 12.44
C THR B 50 2.35 0.74 13.16
N LEU B 51 1.99 2.05 13.32
CA LEU B 51 2.88 2.98 14.02
C LEU B 51 3.02 2.59 15.50
N LYS B 52 1.94 2.09 16.16
CA LYS B 52 2.04 1.64 17.56
C LYS B 52 2.93 0.38 17.69
N ILE B 53 2.93 -0.54 16.71
CA ILE B 53 3.84 -1.70 16.74
C ILE B 53 5.31 -1.19 16.70
N MET B 54 5.56 -0.21 15.82
CA MET B 54 6.88 0.40 15.69
C MET B 54 7.34 1.11 16.98
N THR B 55 6.48 1.97 17.59
CA THR B 55 6.89 2.69 18.81
C THR B 55 6.88 1.80 20.05
N ARG B 56 5.76 1.09 20.30
CA ARG B 56 5.58 0.31 21.53
C ARG B 56 6.25 -1.07 21.54
N LEU B 57 6.08 -1.86 20.48
CA LEU B 57 6.67 -3.20 20.44
C LEU B 57 8.18 -3.18 20.09
N PHE B 58 8.54 -2.59 18.96
CA PHE B 58 9.94 -2.59 18.51
C PHE B 58 10.86 -1.59 19.23
N ARG B 59 10.63 -0.30 19.05
CA ARG B 59 11.45 0.77 19.62
C ARG B 59 11.60 0.65 21.14
N THR B 60 10.47 0.60 21.87
CA THR B 60 10.50 0.52 23.33
C THR B 60 11.13 -0.79 23.82
N GLY B 61 10.87 -1.89 23.13
CA GLY B 61 11.47 -3.17 23.49
C GLY B 61 12.97 -3.16 23.34
N MET B 62 13.48 -2.50 22.28
CA MET B 62 14.94 -2.39 22.07
C MET B 62 15.58 -1.51 23.14
N LEU B 63 14.90 -0.42 23.54
CA LEU B 63 15.45 0.47 24.57
C LEU B 63 15.49 -0.22 25.92
N GLU B 64 14.45 -1.00 26.25
CA GLU B 64 14.37 -1.64 27.57
C GLU B 64 15.06 -3.01 27.71
N GLU B 65 15.26 -3.76 26.62
N GLU B 65 14.90 -3.91 26.76
CA GLU B 65 15.95 -5.07 26.67
CA GLU B 65 15.43 -5.27 26.90
C GLU B 65 17.37 -5.11 26.07
C GLU B 65 16.84 -5.42 26.37
N LEU B 66 17.65 -4.33 25.03
N LEU B 66 17.19 -4.67 25.32
CA LEU B 66 18.95 -4.39 24.34
CA LEU B 66 18.52 -4.72 24.75
C LEU B 66 19.95 -3.30 24.73
C LEU B 66 19.42 -3.59 25.24
N HIS B 67 21.23 -3.48 24.36
N HIS B 67 18.83 -2.47 25.71
CA HIS B 67 22.29 -2.51 24.64
CA HIS B 67 19.52 -1.27 26.17
C HIS B 67 22.84 -1.99 23.32
C HIS B 67 20.35 -0.65 25.05
N LEU B 68 22.00 -1.31 22.53
N LEU B 68 19.81 -0.68 23.83
CA LEU B 68 22.44 -0.76 21.25
CA LEU B 68 20.49 -0.10 22.67
C LEU B 68 23.24 0.53 21.46
C LEU B 68 20.60 1.41 22.79
N GLU B 69 24.11 0.87 20.51
N GLU B 69 21.65 1.97 22.18
CA GLU B 69 24.91 2.10 20.60
CA GLU B 69 21.93 3.39 22.17
C GLU B 69 23.99 3.33 20.44
C GLU B 69 20.77 4.14 21.51
N PRO B 70 24.34 4.49 21.04
N PRO B 70 20.32 5.25 22.12
CA PRO B 70 23.45 5.68 20.91
CA PRO B 70 19.19 6.01 21.53
C PRO B 70 23.17 6.07 19.45
C PRO B 70 19.37 6.38 20.06
N GLY B 71 21.94 6.45 19.16
N GLY B 71 20.60 6.69 19.66
CA GLY B 71 21.55 6.82 17.80
CA GLY B 71 20.92 7.05 18.28
C GLY B 71 21.15 5.66 16.91
C GLY B 71 20.72 5.90 17.31
N VAL B 72 21.26 4.42 17.42
N VAL B 72 21.10 4.67 17.72
CA VAL B 72 20.86 3.24 16.65
CA VAL B 72 20.91 3.48 16.89
C VAL B 72 19.33 3.10 16.60
C VAL B 72 19.41 3.23 16.67
N VAL B 73 18.63 3.26 17.75
CA VAL B 73 17.18 3.11 17.74
C VAL B 73 16.48 4.20 16.89
N GLN B 74 17.01 5.46 16.95
CA GLN B 74 16.50 6.57 16.15
CA GLN B 74 16.51 6.58 16.15
C GLN B 74 16.71 6.30 14.65
N GLY B 75 17.86 5.73 14.30
CA GLY B 75 18.20 5.39 12.93
C GLY B 75 17.29 4.31 12.35
N LEU B 76 16.86 3.36 13.20
CA LEU B 76 15.99 2.26 12.78
C LEU B 76 14.54 2.76 12.60
N PHE B 77 14.10 3.69 13.46
CA PHE B 77 12.73 4.20 13.47
C PHE B 77 12.69 5.72 13.36
N PRO B 78 13.14 6.30 12.23
CA PRO B 78 13.18 7.79 12.15
C PRO B 78 11.77 8.39 12.18
N CYS B 79 11.57 9.52 12.91
CA CYS B 79 10.30 10.29 12.98
C CYS B 79 9.06 9.51 13.45
N VAL B 80 9.21 8.33 14.07
CA VAL B 80 8.04 7.51 14.46
CA VAL B 80 8.05 7.52 14.42
C VAL B 80 7.09 8.24 15.42
N ASP B 81 7.61 9.03 16.38
CA ASP B 81 6.73 9.75 17.32
C ASP B 81 5.94 10.88 16.61
N GLU B 82 6.57 11.59 15.67
CA GLU B 82 5.89 12.66 14.92
CA GLU B 82 5.86 12.65 14.93
C GLU B 82 4.83 12.04 13.99
N LEU B 83 5.15 10.90 13.35
CA LEU B 83 4.21 10.20 12.46
C LEU B 83 3.00 9.72 13.28
N SER B 84 3.28 9.15 14.47
CA SER B 84 2.23 8.65 15.35
C SER B 84 1.33 9.80 15.80
N ASP B 85 1.91 10.96 16.10
CA ASP B 85 1.14 12.12 16.50
C ASP B 85 0.23 12.65 15.37
N ILE B 86 0.75 12.74 14.13
CA ILE B 86 -0.03 13.16 12.96
C ILE B 86 -1.28 12.24 12.74
N HIS B 87 -1.05 10.93 12.65
CA HIS B 87 -2.11 9.98 12.29
C HIS B 87 -3.05 9.67 13.46
N THR B 88 -2.58 9.70 14.72
CA THR B 88 -3.51 9.49 15.87
C THR B 88 -4.52 10.68 15.92
N ARG B 89 -4.04 11.91 15.66
CA ARG B 89 -4.92 13.06 15.60
C ARG B 89 -5.94 12.93 14.45
N PHE B 90 -5.47 12.55 13.24
CA PHE B 90 -6.35 12.39 12.09
C PHE B 90 -7.40 11.29 12.34
N LEU B 91 -6.95 10.14 12.89
CA LEU B 91 -7.85 9.03 13.25
C LEU B 91 -8.89 9.49 14.28
N SER B 92 -8.46 10.27 15.30
CA SER B 92 -9.39 10.77 16.31
CA SER B 92 -9.39 10.75 16.31
C SER B 92 -10.52 11.60 15.67
N GLN B 93 -10.18 12.47 14.72
CA GLN B 93 -11.15 13.31 14.01
C GLN B 93 -12.15 12.45 13.17
N LEU B 94 -11.62 11.42 12.50
CA LEU B 94 -12.44 10.51 11.68
C LEU B 94 -13.43 9.74 12.55
N LEU B 95 -12.96 9.15 13.66
CA LEU B 95 -13.79 8.38 14.58
C LEU B 95 -14.80 9.29 15.30
N GLU B 96 -14.46 10.57 15.55
CA GLU B 96 -15.41 11.51 16.18
C GLU B 96 -16.55 11.85 15.20
N ARG B 97 -16.24 12.00 13.91
CA ARG B 97 -17.24 12.26 12.88
C ARG B 97 -18.24 11.05 12.82
N ARG B 98 -17.70 9.82 12.89
CA ARG B 98 -18.53 8.60 12.89
C ARG B 98 -19.36 8.57 14.18
N ARG B 99 -18.73 8.83 15.34
CA ARG B 99 -19.44 8.81 16.61
CA ARG B 99 -19.44 8.81 16.61
C ARG B 99 -20.64 9.78 16.63
N GLN B 100 -20.43 11.02 16.20
CA GLN B 100 -21.52 12.01 16.17
C GLN B 100 -22.67 11.58 15.24
N ALA B 101 -22.35 10.87 14.16
CA ALA B 101 -23.35 10.42 13.21
C ALA B 101 -24.19 9.21 13.67
N LEU B 102 -23.81 8.52 14.76
CA LEU B 102 -24.55 7.33 15.20
C LEU B 102 -26.02 7.62 15.54
N CYS B 103 -26.91 6.72 15.16
CA CYS B 103 -28.32 6.84 15.57
C CYS B 103 -28.43 6.62 17.05
N PRO B 104 -29.29 7.38 17.75
CA PRO B 104 -29.53 7.09 19.17
C PRO B 104 -29.98 5.64 19.37
N GLY B 105 -29.41 4.99 20.35
CA GLY B 105 -29.69 3.59 20.61
C GLY B 105 -28.83 2.62 19.82
N SER B 106 -27.91 3.13 18.99
CA SER B 106 -27.03 2.27 18.19
C SER B 106 -25.55 2.59 18.40
N THR B 107 -24.69 1.56 18.37
CA THR B 107 -23.25 1.78 18.36
C THR B 107 -22.65 1.39 16.97
N ARG B 108 -23.49 1.08 15.95
CA ARG B 108 -23.00 0.72 14.61
C ARG B 108 -23.67 1.42 13.41
N ASN B 109 -24.90 1.92 13.56
CA ASN B 109 -25.64 2.54 12.46
C ASN B 109 -25.35 4.03 12.35
N PHE B 110 -24.69 4.43 11.27
CA PHE B 110 -24.36 5.83 11.01
C PHE B 110 -24.20 6.06 9.50
N VAL B 111 -24.26 7.33 9.11
CA VAL B 111 -23.96 7.79 7.75
C VAL B 111 -23.10 9.09 7.90
N ILE B 112 -21.94 9.14 7.26
CA ILE B 112 -21.10 10.34 7.28
C ILE B 112 -21.37 11.09 5.96
N HIS B 113 -21.96 12.27 6.07
CA HIS B 113 -22.29 13.11 4.89
C HIS B 113 -21.24 14.20 4.63
N ARG B 114 -20.42 14.60 5.64
N ARG B 114 -20.52 14.60 5.66
CA ARG B 114 -19.55 15.77 5.53
CA ARG B 114 -19.56 15.66 5.63
C ARG B 114 -18.03 15.54 5.71
C ARG B 114 -18.21 15.09 6.02
N LEU B 115 -17.50 14.54 5.05
N LEU B 115 -17.43 14.73 5.01
CA LEU B 115 -16.07 14.20 5.13
CA LEU B 115 -16.07 14.23 5.14
C LEU B 115 -15.12 15.25 4.50
C LEU B 115 -15.11 15.25 4.51
N GLY B 116 -15.53 15.87 3.40
CA GLY B 116 -14.71 16.84 2.68
C GLY B 116 -14.00 17.89 3.53
N ASP B 117 -14.75 18.53 4.43
CA ASP B 117 -14.20 19.59 5.29
CA ASP B 117 -14.23 19.58 5.29
C ASP B 117 -13.11 19.08 6.21
N LEU B 118 -13.27 17.86 6.72
CA LEU B 118 -12.29 17.22 7.61
C LEU B 118 -10.99 16.99 6.77
N LEU B 119 -11.14 16.47 5.56
CA LEU B 119 -9.99 16.23 4.67
C LEU B 119 -9.29 17.55 4.28
N ILE B 120 -10.05 18.63 4.00
CA ILE B 120 -9.43 19.94 3.70
C ILE B 120 -8.60 20.41 4.90
N SER B 121 -9.13 20.28 6.10
CA SER B 121 -8.43 20.69 7.32
CA SER B 121 -8.41 20.68 7.32
C SER B 121 -7.13 19.86 7.51
N GLN B 122 -7.22 18.53 7.35
CA GLN B 122 -6.05 17.68 7.53
C GLN B 122 -4.95 18.01 6.50
N PHE B 123 -5.32 18.27 5.25
CA PHE B 123 -4.36 18.47 4.18
C PHE B 123 -4.12 19.95 3.81
N SER B 124 -4.30 20.86 4.77
CA SER B 124 -3.98 22.29 4.58
C SER B 124 -3.43 22.88 5.90
N GLY B 125 -2.90 24.12 5.85
CA GLY B 125 -2.36 24.79 7.02
C GLY B 125 -1.26 24.05 7.77
N PRO B 126 -1.16 24.32 9.08
CA PRO B 126 -0.09 23.71 9.90
C PRO B 126 0.01 22.18 9.87
N SER B 127 -1.15 21.46 9.77
CA SER B 127 -1.07 20.00 9.72
C SER B 127 -0.46 19.49 8.39
N ALA B 128 -0.76 20.16 7.26
CA ALA B 128 -0.14 19.75 5.97
C ALA B 128 1.36 20.07 6.00
N GLU B 129 1.76 21.20 6.63
CA GLU B 129 3.19 21.54 6.71
C GLU B 129 3.92 20.47 7.54
N GLN B 130 3.30 20.03 8.65
CA GLN B 130 3.90 19.02 9.50
CA GLN B 130 3.85 19.00 9.52
C GLN B 130 3.99 17.66 8.77
N MET B 131 2.94 17.28 7.99
CA MET B 131 2.96 16.02 7.23
C MET B 131 4.06 16.08 6.17
N CYS B 132 4.18 17.22 5.48
CA CYS B 132 5.20 17.39 4.46
C CYS B 132 6.60 17.29 5.07
N LYS B 133 6.85 18.01 6.18
CA LYS B 133 8.16 17.99 6.83
C LYS B 133 8.51 16.58 7.35
N THR B 134 7.54 15.92 8.00
CA THR B 134 7.75 14.59 8.57
C THR B 134 7.97 13.50 7.51
N TYR B 135 7.13 13.48 6.43
CA TYR B 135 7.31 12.46 5.39
C TYR B 135 8.56 12.69 4.52
N SER B 136 8.96 13.96 4.27
CA SER B 136 10.18 14.28 3.50
C SER B 136 11.40 13.73 4.29
N GLU B 137 11.40 13.89 5.64
CA GLU B 137 12.47 13.40 6.48
CA GLU B 137 12.50 13.36 6.43
C GLU B 137 12.46 11.83 6.53
N PHE B 138 11.29 11.25 6.89
CA PHE B 138 11.14 9.79 7.00
C PHE B 138 11.53 9.06 5.70
N CYS B 139 10.97 9.48 4.57
CA CYS B 139 11.24 8.81 3.31
C CYS B 139 12.69 8.99 2.85
N SER B 140 13.35 10.11 3.24
CA SER B 140 14.77 10.29 2.92
C SER B 140 15.69 9.39 3.78
N ARG B 141 15.17 8.87 4.91
CA ARG B 141 15.90 8.00 5.83
C ARG B 141 15.52 6.52 5.72
N HIS B 142 14.67 6.19 4.74
CA HIS B 142 14.10 4.86 4.50
C HIS B 142 15.24 3.88 4.23
N SER B 143 16.07 4.14 3.21
CA SER B 143 17.18 3.27 2.84
CA SER B 143 17.17 3.27 2.84
C SER B 143 18.15 3.02 4.00
N LYS B 144 18.50 4.08 4.75
CA LYS B 144 19.43 4.01 5.87
C LYS B 144 18.86 3.11 6.99
N ALA B 145 17.58 3.25 7.29
CA ALA B 145 16.92 2.43 8.31
C ALA B 145 16.98 0.95 7.95
N LEU B 146 16.70 0.59 6.66
CA LEU B 146 16.71 -0.80 6.20
C LEU B 146 18.10 -1.42 6.28
N LYS B 147 19.12 -0.67 5.88
CA LYS B 147 20.50 -1.13 5.93
C LYS B 147 20.98 -1.32 7.36
N LEU B 148 20.60 -0.39 8.26
CA LEU B 148 20.97 -0.48 9.68
C LEU B 148 20.33 -1.73 10.30
N TYR B 149 19.06 -1.99 9.96
CA TYR B 149 18.35 -3.18 10.45
C TYR B 149 19.06 -4.47 9.99
N LYS B 150 19.41 -4.54 8.70
CA LYS B 150 20.02 -5.75 8.14
C LYS B 150 21.36 -6.04 8.81
N GLU B 151 22.16 -5.01 9.07
CA GLU B 151 23.46 -5.16 9.71
CA GLU B 151 23.46 -5.15 9.72
C GLU B 151 23.30 -5.74 11.12
N LEU B 152 22.39 -5.16 11.93
CA LEU B 152 22.14 -5.62 13.30
C LEU B 152 21.58 -7.04 13.36
N TYR B 153 20.64 -7.38 12.47
CA TYR B 153 20.07 -8.73 12.46
C TYR B 153 21.12 -9.80 12.14
N ALA B 154 22.08 -9.46 11.26
CA ALA B 154 23.10 -10.41 10.85
C ALA B 154 24.32 -10.50 11.77
N ARG B 155 24.59 -9.45 12.56
CA ARG B 155 25.79 -9.43 13.40
CA ARG B 155 25.79 -9.37 13.39
C ARG B 155 25.54 -9.45 14.91
N ASP B 156 24.34 -9.05 15.38
CA ASP B 156 24.04 -9.03 16.81
C ASP B 156 23.06 -10.13 17.23
N LYS B 157 23.57 -11.14 17.98
CA LYS B 157 22.82 -12.29 18.47
C LYS B 157 21.59 -11.92 19.30
N ARG B 158 21.75 -11.00 20.27
CA ARG B 158 20.69 -10.57 21.15
C ARG B 158 19.60 -9.78 20.36
N PHE B 159 20.01 -9.04 19.34
CA PHE B 159 19.07 -8.29 18.49
C PHE B 159 18.22 -9.30 17.67
N GLN B 160 18.88 -10.29 17.06
CA GLN B 160 18.21 -11.34 16.29
C GLN B 160 17.21 -12.12 17.16
N GLN B 161 17.59 -12.49 18.41
CA GLN B 161 16.69 -13.20 19.32
C GLN B 161 15.48 -12.34 19.66
N PHE B 162 15.72 -11.03 19.92
CA PHE B 162 14.66 -10.08 20.22
C PHE B 162 13.61 -10.03 19.09
N ILE B 163 14.09 -9.83 17.86
CA ILE B 163 13.23 -9.72 16.69
C ILE B 163 12.42 -11.01 16.50
N ARG B 164 13.11 -12.18 16.53
CA ARG B 164 12.47 -13.47 16.38
C ARG B 164 11.41 -13.68 17.49
N LYS B 165 11.69 -13.20 18.70
CA LYS B 165 10.76 -13.32 19.82
C LYS B 165 9.49 -12.46 19.64
N VAL B 166 9.68 -11.15 19.37
CA VAL B 166 8.52 -10.25 19.30
C VAL B 166 7.74 -10.39 18.00
N THR B 167 8.36 -10.93 16.92
CA THR B 167 7.62 -11.13 15.67
C THR B 167 7.05 -12.54 15.54
N ARG B 168 7.26 -13.42 16.54
CA ARG B 168 6.75 -14.79 16.49
C ARG B 168 5.21 -14.93 16.43
N PRO B 169 4.43 -14.12 17.18
CA PRO B 169 2.97 -14.30 17.15
C PRO B 169 2.37 -14.12 15.78
N ALA B 170 1.34 -14.93 15.48
CA ALA B 170 0.64 -14.85 14.19
C ALA B 170 0.11 -13.43 13.86
N VAL B 171 -0.35 -12.66 14.85
CA VAL B 171 -0.87 -11.30 14.58
C VAL B 171 0.22 -10.34 14.05
N LEU B 172 1.52 -10.70 14.16
CA LEU B 172 2.64 -9.88 13.64
C LEU B 172 3.15 -10.37 12.25
N LYS B 173 2.47 -11.35 11.64
CA LYS B 173 2.88 -11.95 10.36
C LYS B 173 3.24 -10.94 9.26
N ARG B 174 2.41 -9.90 9.08
CA ARG B 174 2.63 -8.86 8.05
C ARG B 174 3.45 -7.66 8.58
N HIS B 175 3.86 -7.68 9.87
CA HIS B 175 4.42 -6.50 10.50
C HIS B 175 5.83 -6.64 11.08
N GLY B 176 6.76 -7.25 10.33
CA GLY B 176 8.16 -7.19 10.74
C GLY B 176 8.67 -5.75 10.58
N VAL B 177 9.88 -5.44 11.06
CA VAL B 177 10.44 -4.08 10.99
C VAL B 177 10.41 -3.46 9.58
N GLN B 178 10.99 -4.15 8.58
CA GLN B 178 11.05 -3.58 7.21
C GLN B 178 9.66 -3.43 6.60
N GLU B 179 8.76 -4.37 6.92
CA GLU B 179 7.39 -4.36 6.44
C GLU B 179 6.65 -3.13 7.01
N CYS B 180 6.82 -2.83 8.31
CA CYS B 180 6.22 -1.63 8.92
C CYS B 180 6.72 -0.37 8.22
N ILE B 181 8.05 -0.28 7.97
CA ILE B 181 8.60 0.92 7.33
C ILE B 181 7.97 1.16 5.94
N LEU B 182 7.84 0.10 5.12
CA LEU B 182 7.23 0.24 3.79
C LEU B 182 5.71 0.50 3.90
N LEU B 183 5.00 -0.12 4.87
CA LEU B 183 3.57 0.17 5.07
C LEU B 183 3.33 1.70 5.30
N VAL B 184 4.21 2.31 6.12
CA VAL B 184 4.15 3.73 6.45
C VAL B 184 4.49 4.60 5.24
N THR B 185 5.58 4.27 4.52
CA THR B 185 5.94 5.01 3.30
C THR B 185 4.82 4.97 2.26
N GLN B 186 4.17 3.80 2.11
CA GLN B 186 3.10 3.67 1.09
C GLN B 186 1.78 4.31 1.51
N ARG B 187 1.60 4.58 2.81
CA ARG B 187 0.31 5.10 3.28
C ARG B 187 -0.15 6.39 2.54
N ILE B 188 0.75 7.39 2.45
CA ILE B 188 0.38 8.66 1.85
C ILE B 188 -0.10 8.57 0.39
N THR B 189 0.45 7.63 -0.40
CA THR B 189 0.02 7.48 -1.79
C THR B 189 -1.31 6.69 -1.92
N LYS B 190 -1.88 6.15 -0.81
CA LYS B 190 -3.20 5.52 -0.86
C LYS B 190 -4.32 6.58 -0.83
N TYR B 191 -4.08 7.74 -0.19
CA TYR B 191 -5.10 8.78 0.00
C TYR B 191 -5.79 9.26 -1.30
N PRO B 192 -5.06 9.58 -2.39
CA PRO B 192 -5.75 10.06 -3.61
C PRO B 192 -6.72 9.03 -4.15
N LEU B 193 -6.34 7.73 -4.18
CA LEU B 193 -7.18 6.65 -4.67
CA LEU B 193 -7.25 6.72 -4.72
C LEU B 193 -8.52 6.60 -3.87
N LEU B 194 -8.40 6.62 -2.53
CA LEU B 194 -9.58 6.54 -1.66
C LEU B 194 -10.47 7.79 -1.83
N ILE B 195 -9.86 8.99 -1.80
CA ILE B 195 -10.58 10.26 -1.95
C ILE B 195 -11.29 10.35 -3.31
N SER B 196 -10.61 9.96 -4.41
CA SER B 196 -11.24 10.02 -5.73
CA SER B 196 -11.25 10.03 -5.73
CA SER B 196 -11.25 10.02 -5.73
C SER B 196 -12.45 9.10 -5.82
N ARG B 197 -12.39 7.92 -5.18
CA ARG B 197 -13.53 7.00 -5.25
C ARG B 197 -14.68 7.51 -4.35
N ILE B 198 -14.36 8.15 -3.21
CA ILE B 198 -15.41 8.75 -2.35
C ILE B 198 -16.11 9.89 -3.15
N LEU B 199 -15.31 10.73 -3.84
CA LEU B 199 -15.77 11.81 -4.69
C LEU B 199 -16.72 11.28 -5.77
N GLN B 200 -16.36 10.17 -6.41
CA GLN B 200 -17.20 9.53 -7.44
C GLN B 200 -18.65 9.28 -6.97
N HIS B 201 -18.84 8.99 -5.67
CA HIS B 201 -20.18 8.71 -5.13
C HIS B 201 -20.71 9.85 -4.22
N SER B 202 -20.18 11.07 -4.39
CA SER B 202 -20.58 12.19 -3.54
C SER B 202 -21.14 13.36 -4.35
N HIS B 203 -21.76 13.09 -5.50
CA HIS B 203 -22.34 14.16 -6.32
C HIS B 203 -23.71 14.68 -5.84
N GLY B 204 -24.37 13.92 -4.95
CA GLY B 204 -25.69 14.24 -4.41
C GLY B 204 -25.81 15.61 -3.78
N ILE B 205 -24.75 16.06 -3.08
CA ILE B 205 -24.71 17.39 -2.47
CA ILE B 205 -24.71 17.39 -2.47
C ILE B 205 -23.54 18.15 -3.12
N GLU B 206 -23.86 19.18 -3.91
CA GLU B 206 -22.82 19.94 -4.63
C GLU B 206 -21.70 20.49 -3.72
N GLU B 207 -22.04 21.07 -2.55
CA GLU B 207 -21.00 21.52 -1.62
C GLU B 207 -20.02 20.36 -1.21
N GLU B 208 -20.53 19.12 -1.12
CA GLU B 208 -19.67 17.98 -0.73
C GLU B 208 -18.73 17.59 -1.86
N ARG B 209 -19.27 17.58 -3.09
CA ARG B 209 -18.49 17.33 -4.29
C ARG B 209 -17.36 18.38 -4.41
N GLN B 210 -17.70 19.66 -4.17
CA GLN B 210 -16.71 20.74 -4.22
C GLN B 210 -15.62 20.56 -3.14
N ASP B 211 -16.02 20.25 -1.90
CA ASP B 211 -15.07 20.03 -0.81
C ASP B 211 -14.11 18.86 -1.04
N LEU B 212 -14.62 17.75 -1.56
CA LEU B 212 -13.77 16.59 -1.85
C LEU B 212 -12.84 16.91 -3.03
N THR B 213 -13.30 17.74 -4.01
CA THR B 213 -12.48 18.13 -5.15
C THR B 213 -11.30 18.96 -4.62
N THR B 214 -11.57 19.94 -3.70
CA THR B 214 -10.51 20.74 -3.06
C THR B 214 -9.54 19.79 -2.25
N ALA B 215 -10.10 18.88 -1.44
CA ALA B 215 -9.27 17.95 -0.63
C ALA B 215 -8.35 17.11 -1.52
N LEU B 216 -8.87 16.58 -2.64
CA LEU B 216 -8.06 15.76 -3.53
C LEU B 216 -6.86 16.59 -4.10
N GLY B 217 -7.12 17.82 -4.48
CA GLY B 217 -6.07 18.73 -4.96
C GLY B 217 -5.01 18.99 -3.89
N LEU B 218 -5.44 19.21 -2.63
CA LEU B 218 -4.50 19.42 -1.52
C LEU B 218 -3.62 18.18 -1.25
N VAL B 219 -4.20 16.98 -1.30
CA VAL B 219 -3.43 15.75 -1.08
C VAL B 219 -2.38 15.59 -2.19
N LYS B 220 -2.77 15.86 -3.44
CA LYS B 220 -1.83 15.76 -4.56
C LYS B 220 -0.70 16.78 -4.45
N GLU B 221 -1.00 18.02 -3.94
CA GLU B 221 0.03 19.05 -3.73
CA GLU B 221 0.04 19.02 -3.74
C GLU B 221 1.02 18.52 -2.67
N LEU B 222 0.48 17.98 -1.54
CA LEU B 222 1.31 17.43 -0.46
C LEU B 222 2.26 16.33 -1.05
N LEU B 223 1.70 15.38 -1.79
CA LEU B 223 2.51 14.29 -2.36
C LEU B 223 3.61 14.81 -3.29
N SER B 224 3.27 15.81 -4.14
CA SER B 224 4.26 16.38 -5.06
CA SER B 224 4.25 16.37 -5.06
C SER B 224 5.39 17.05 -4.28
N ASN B 225 5.05 17.75 -3.18
CA ASN B 225 6.05 18.44 -2.34
C ASN B 225 6.93 17.40 -1.64
N VAL B 226 6.33 16.34 -1.10
CA VAL B 226 7.12 15.30 -0.41
C VAL B 226 8.09 14.62 -1.42
N ASP B 227 7.55 14.21 -2.58
CA ASP B 227 8.34 13.55 -3.63
C ASP B 227 9.56 14.40 -4.06
N GLU B 228 9.35 15.73 -4.22
CA GLU B 228 10.42 16.67 -4.59
C GLU B 228 11.44 16.93 -3.46
N GLY B 229 11.08 16.67 -2.20
CA GLY B 229 11.99 16.88 -1.08
C GLY B 229 12.72 15.65 -0.58
N ILE B 230 12.69 14.54 -1.35
CA ILE B 230 13.36 13.31 -0.96
C ILE B 230 14.72 13.16 -1.64
N TYR B 231 15.72 12.74 -0.86
CA TYR B 231 17.07 12.39 -1.30
C TYR B 231 17.56 11.35 -0.28
N GLN B 232 17.78 10.10 -0.69
CA GLN B 232 18.19 9.05 0.25
C GLN B 232 19.53 9.32 0.92
N LEU B 233 19.50 9.37 2.25
CA LEU B 233 20.69 9.54 3.03
C LEU B 233 21.45 8.20 3.01
N GLU B 234 22.77 8.29 2.98
CA GLU B 234 23.58 7.11 2.96
C GLU B 234 24.69 7.26 3.95
N LYS B 235 24.73 6.37 4.95
CA LYS B 235 25.76 6.39 5.98
C LYS B 235 27.10 6.08 5.32
N GLY B 236 28.08 6.94 5.53
CA GLY B 236 29.39 6.75 4.93
C GLY B 236 29.60 7.43 3.59
N ALA B 237 28.52 7.87 2.92
CA ALA B 237 28.67 8.55 1.62
C ALA B 237 29.38 9.89 1.85
N ARG B 238 30.45 10.11 1.11
CA ARG B 238 31.25 11.30 1.27
C ARG B 238 30.59 12.54 0.68
N LEU B 239 31.02 13.72 1.13
CA LEU B 239 30.50 15.00 0.65
CA LEU B 239 30.47 14.97 0.65
C LEU B 239 30.62 15.13 -0.88
N GLN B 240 31.72 14.61 -1.46
CA GLN B 240 31.94 14.67 -2.89
C GLN B 240 30.81 13.95 -3.64
N GLU B 241 30.37 12.77 -3.14
CA GLU B 241 29.27 12.00 -3.73
C GLU B 241 27.96 12.81 -3.71
N ILE B 242 27.75 13.57 -2.64
CA ILE B 242 26.57 14.40 -2.44
C ILE B 242 26.57 15.63 -3.35
N TYR B 243 27.60 16.52 -3.30
CA TYR B 243 27.58 17.73 -4.14
C TYR B 243 27.77 17.42 -5.65
N ASN B 244 28.13 16.19 -6.03
CA ASN B 244 28.23 15.79 -7.44
C ASN B 244 26.98 15.04 -7.93
N ARG B 245 25.88 15.00 -7.12
CA ARG B 245 24.63 14.30 -7.44
C ARG B 245 24.01 14.81 -8.73
N1 K34 C . 15.27 4.39 -14.32
N3 K34 C . 16.94 5.30 -13.32
C4 K34 C . 17.43 4.57 -14.30
N K34 C . 15.05 6.69 -11.52
C K34 C . 14.06 7.16 -10.78
C1 K34 C . 12.79 6.69 -11.08
C2 K34 C . 14.75 5.82 -12.46
C3 K34 C . 15.63 5.19 -13.34
N2 K34 C . 16.42 3.99 -14.94
S K34 C . 13.04 5.60 -12.40
S DMS D . 0.68 -17.94 -22.59
O DMS D . 1.29 -17.71 -23.96
C1 DMS D . 0.55 -19.73 -22.33
C2 DMS D . -1.08 -17.53 -22.72
C FMT E . 8.35 -17.88 -27.68
O1 FMT E . 8.54 -18.80 -26.88
O2 FMT E . 7.23 -17.11 -27.70
C FMT F . -1.62 -12.85 5.60
O1 FMT F . -0.73 -12.01 5.61
O2 FMT F . -2.35 -13.19 6.70
C FMT G . 17.99 -11.78 -7.18
O1 FMT G . 18.37 -10.78 -6.57
O2 FMT G . 18.80 -12.81 -7.53
C FMT H . 19.83 0.10 -6.98
O1 FMT H . 20.47 0.89 -7.67
O2 FMT H . 19.94 -1.26 -7.03
C FMT I . 15.27 2.54 -4.04
O1 FMT I . 15.33 1.41 -4.54
O2 FMT I . 15.02 2.77 -2.72
S DMS J . -28.40 10.95 14.53
O DMS J . -27.03 11.58 14.69
C1 DMS J . -28.45 10.08 12.94
C2 DMS J . -29.57 12.27 14.07
S DMS K . -23.90 11.20 -2.13
O DMS K . -24.91 12.09 -1.36
C1 DMS K . -24.33 11.13 -3.83
C2 DMS K . -24.42 9.49 -1.88
C FMT L . -25.42 16.81 4.14
O1 FMT L . -25.06 17.76 4.79
O2 FMT L . -24.78 16.36 3.04
C FMT M . -21.38 14.35 8.97
O1 FMT M . -20.22 14.11 8.67
O2 FMT M . -22.43 13.57 8.65
C FMT N . -12.74 -0.07 -7.63
O1 FMT N . -12.41 1.11 -7.49
O2 FMT N . -12.31 -1.08 -6.83
C FMT O . -7.06 9.70 -8.53
O1 FMT O . -7.11 10.84 -8.99
O2 FMT O . -5.99 9.16 -7.92
C FMT P . 10.60 15.11 11.54
O1 FMT P . 10.83 16.00 10.72
O2 FMT P . 9.39 14.89 12.12
C FMT Q . -6.82 25.47 1.07
O1 FMT Q . -7.32 25.22 -0.02
O2 FMT Q . -7.45 25.32 2.27
C FMT R . 23.26 11.13 7.31
O1 FMT R . 23.31 10.02 7.81
O2 FMT R . 23.59 11.35 6.04
C FMT S . -29.55 14.72 2.56
O1 FMT S . -30.00 14.02 1.67
O2 FMT S . -28.97 14.25 3.70
#